data_3NZ1
#
_entry.id   3NZ1
#
_cell.length_a   60.720
_cell.length_b   60.720
_cell.length_c   120.180
_cell.angle_alpha   90.000
_cell.angle_beta   90.000
_cell.angle_gamma   120.000
#
_symmetry.space_group_name_H-M   'P 31 2 1'
#
loop_
_entity.id
_entity.type
_entity.pdbx_description
1 polymer 'Indole-3-glycerol phosphate synthase'
2 non-polymer 5-nitro-1H-benzotriazole
3 non-polymer 'SULFATE ION'
4 non-polymer 'L(+)-TARTARIC ACID'
5 water water
#
_entity_poly.entity_id   1
_entity_poly.type   'polypeptide(L)'
_entity_poly.pdbx_seq_one_letter_code
;MPRYLKGWLKDVVQLSLRRPSFRASRQRPIISLNERILEFNKRNITAIIAAYKRKSPSGLDVERDPIEYSKFMERYAVGL
AIATEEKYFNGSYETLRKIASSVSIPILMWDFIVKESQIDDAYNLGADTVALIVKILTERELESLLEYARSYGMEPAIVI
NDENDLDIALRIGARFIEIASRDLETLEINKENQRKLISMIPSNVVKVAWQGISERNEIEELRKLGVNAFGIGSSLMRNP
EKIKEFILGSIEGRGHHHHHH
;
_entity_poly.pdbx_strand_id   A
#
loop_
_chem_comp.id
_chem_comp.type
_chem_comp.name
_chem_comp.formula
3NY non-polymer 5-nitro-1H-benzotriazole 'C6 H4 N4 O2'
SO4 non-polymer 'SULFATE ION' 'O4 S -2'
TLA non-polymer 'L(+)-TARTARIC ACID' 'C4 H6 O6'
#
# COMPACT_ATOMS: atom_id res chain seq x y z
N PRO A 2 13.31 -14.76 4.33
CA PRO A 2 12.06 -14.74 3.51
C PRO A 2 11.67 -16.20 3.31
N ARG A 3 10.48 -16.38 2.76
CA ARG A 3 9.92 -17.71 2.48
C ARG A 3 10.68 -18.31 1.29
N TYR A 4 10.50 -19.63 1.04
CA TYR A 4 10.98 -20.24 -0.20
C TYR A 4 10.21 -19.59 -1.32
N LEU A 5 10.91 -19.11 -2.31
CA LEU A 5 10.32 -18.36 -3.41
C LEU A 5 10.90 -18.78 -4.79
N LYS A 6 10.19 -18.46 -5.85
CA LYS A 6 10.64 -18.74 -7.21
C LYS A 6 10.54 -17.54 -8.07
N GLY A 7 11.15 -17.63 -9.25
CA GLY A 7 10.83 -16.66 -10.30
C GLY A 7 11.14 -15.22 -9.84
N TRP A 8 10.30 -14.31 -10.31
CA TRP A 8 10.58 -12.87 -10.11
C TRP A 8 10.51 -12.53 -8.65
N LEU A 9 9.68 -13.24 -7.88
CA LEU A 9 9.61 -12.89 -6.42
C LEU A 9 10.95 -13.23 -5.74
N LYS A 10 11.57 -14.35 -6.14
CA LYS A 10 12.84 -14.75 -5.54
C LYS A 10 13.86 -13.64 -5.91
N ASP A 11 13.75 -13.17 -7.16
CA ASP A 11 14.69 -12.18 -7.70
C ASP A 11 14.55 -10.85 -6.92
N VAL A 12 13.31 -10.47 -6.64
CA VAL A 12 13.11 -9.09 -6.11
C VAL A 12 13.52 -9.15 -4.67
N VAL A 13 13.29 -10.26 -3.98
CA VAL A 13 13.66 -10.41 -2.58
C VAL A 13 15.20 -10.39 -2.48
N GLN A 14 15.87 -11.09 -3.37
CA GLN A 14 17.36 -11.06 -3.38
C GLN A 14 17.90 -9.63 -3.56
N LEU A 15 17.31 -8.91 -4.50
CA LEU A 15 17.68 -7.53 -4.72
C LEU A 15 17.41 -6.71 -3.40
N SER A 16 16.24 -6.89 -2.79
CA SER A 16 15.87 -6.08 -1.62
C SER A 16 16.82 -6.38 -0.46
N LEU A 17 17.32 -7.63 -0.28
CA LEU A 17 18.15 -7.94 0.81
C LEU A 17 19.44 -7.05 0.68
N ARG A 18 19.79 -6.68 -0.54
CA ARG A 18 21.04 -6.00 -0.84
C ARG A 18 20.86 -4.49 -0.90
N ARG A 19 19.66 -4.03 -0.65
CA ARG A 19 19.33 -2.57 -0.87
C ARG A 19 20.13 -1.70 0.14
N PRO A 20 20.93 -0.75 -0.37
CA PRO A 20 21.69 -0.01 0.65
C PRO A 20 20.75 0.92 1.45
N SER A 21 21.11 1.11 2.71
CA SER A 21 20.24 1.94 3.59
C SER A 21 20.40 3.41 3.32
N PHE A 22 19.40 4.17 3.82
CA PHE A 22 19.33 5.62 3.66
C PHE A 22 19.63 6.14 5.08
N ARG A 23 20.70 6.95 5.23
CA ARG A 23 21.31 7.21 6.52
C ARG A 23 21.20 8.70 6.80
N ALA A 24 20.00 9.20 7.09
CA ALA A 24 19.75 10.59 7.50
C ALA A 24 18.57 10.56 8.49
N SER A 25 18.40 11.59 9.28
CA SER A 25 17.37 11.60 10.30
C SER A 25 16.05 12.07 9.69
N ARG A 26 14.93 11.54 10.20
CA ARG A 26 13.62 11.94 9.69
C ARG A 26 13.35 13.41 10.00
N GLN A 27 12.80 14.14 9.05
CA GLN A 27 12.43 15.55 9.34
C GLN A 27 10.97 15.76 8.96
N ARG A 28 10.08 15.05 9.65
CA ARG A 28 8.63 15.06 9.30
C ARG A 28 7.91 14.39 10.45
N PRO A 29 6.75 14.89 10.89
CA PRO A 29 5.95 14.15 11.93
C PRO A 29 5.53 12.76 11.38
N ILE A 30 5.08 11.80 12.22
CA ILE A 30 4.33 10.61 11.71
C ILE A 30 2.87 10.93 11.72
N ILE A 31 2.20 10.74 10.60
CA ILE A 31 0.78 10.93 10.49
C ILE A 31 0.15 9.61 10.03
N SER A 32 -0.74 9.10 10.87
CA SER A 32 -1.32 7.76 10.71
C SER A 32 -2.24 7.66 9.49
N LEU A 33 -1.90 6.73 8.59
CA LEU A 33 -2.74 6.51 7.44
C LEU A 33 -4.00 5.74 7.84
N ASN A 34 -3.85 4.70 8.71
CA ASN A 34 -5.10 3.98 9.07
C ASN A 34 -6.08 4.84 9.92
N GLU A 35 -5.53 5.70 10.80
CA GLU A 35 -6.43 6.63 11.51
C GLU A 35 -7.06 7.62 10.56
N ARG A 36 -6.33 8.11 9.54
CA ARG A 36 -7.03 9.04 8.68
C ARG A 36 -8.15 8.39 7.84
N ILE A 37 -7.91 7.15 7.43
CA ILE A 37 -8.95 6.41 6.78
C ILE A 37 -10.24 6.34 7.69
N LEU A 38 -10.04 5.98 8.96
CA LEU A 38 -11.24 5.90 9.79
C LEU A 38 -11.92 7.29 9.95
N GLU A 39 -11.15 8.36 10.00
N GLU A 39 -11.14 8.36 9.99
CA GLU A 39 -11.75 9.72 10.03
CA GLU A 39 -11.71 9.74 10.01
C GLU A 39 -12.57 9.98 8.77
C GLU A 39 -12.55 10.01 8.77
N PHE A 40 -12.03 9.65 7.59
CA PHE A 40 -12.80 9.81 6.37
C PHE A 40 -14.06 9.02 6.44
N ASN A 41 -13.96 7.79 6.95
CA ASN A 41 -15.16 6.99 7.07
C ASN A 41 -16.26 7.69 7.88
N LYS A 42 -15.83 8.27 9.02
CA LYS A 42 -16.76 8.98 9.92
C LYS A 42 -17.25 10.25 9.29
N ARG A 43 -16.47 10.83 8.37
CA ARG A 43 -16.85 12.03 7.61
C ARG A 43 -17.67 11.70 6.31
N ASN A 44 -17.91 10.41 6.06
CA ASN A 44 -18.55 9.91 4.84
C ASN A 44 -17.86 10.46 3.57
N ILE A 45 -16.53 10.54 3.63
CA ILE A 45 -15.72 10.85 2.44
C ILE A 45 -15.04 9.56 1.95
N THR A 46 -15.20 9.25 0.66
CA THR A 46 -14.55 8.04 0.12
C THR A 46 -13.03 8.19 0.30
N ALA A 47 -12.38 7.13 0.77
CA ALA A 47 -10.95 7.23 1.12
C ALA A 47 -10.12 6.47 0.09
N ILE A 48 -9.38 7.20 -0.74
CA ILE A 48 -8.59 6.61 -1.86
C ILE A 48 -7.14 6.78 -1.50
N ILE A 49 -6.38 5.68 -1.54
CA ILE A 49 -4.92 5.77 -1.37
C ILE A 49 -4.40 5.77 -2.82
N ALA A 50 -3.93 6.93 -3.26
CA ALA A 50 -3.43 7.02 -4.65
C ALA A 50 -1.97 6.60 -4.70
N ALA A 51 -1.64 5.73 -5.65
CA ALA A 51 -0.25 5.33 -5.75
C ALA A 51 0.51 6.07 -6.83
N TYR A 52 1.77 6.39 -6.48
CA TYR A 52 2.72 6.83 -7.51
C TYR A 52 3.55 5.62 -7.79
N LYS A 53 3.55 5.16 -9.05
CA LYS A 53 4.50 4.07 -9.47
C LYS A 53 4.91 4.33 -10.92
N ARG A 54 6.19 4.49 -11.08
CA ARG A 54 6.73 4.80 -12.43
C ARG A 54 6.52 3.60 -13.34
N LYS A 55 6.62 2.37 -12.82
CA LYS A 55 6.35 1.16 -13.61
C LYS A 55 5.80 0.14 -12.62
N SER A 56 5.20 -0.94 -13.15
CA SER A 56 5.04 -2.14 -12.27
C SER A 56 4.99 -3.34 -13.22
N PRO A 57 5.05 -4.56 -12.69
CA PRO A 57 4.93 -5.70 -13.56
C PRO A 57 3.54 -5.76 -14.25
N SER A 58 2.56 -4.97 -13.77
N SER A 58 2.57 -4.98 -13.81
CA SER A 58 1.20 -4.94 -14.34
CA SER A 58 1.28 -5.07 -14.47
C SER A 58 0.88 -3.67 -15.08
C SER A 58 0.89 -3.72 -15.08
N GLY A 59 1.87 -2.95 -15.59
CA GLY A 59 1.51 -1.71 -16.26
C GLY A 59 2.74 -1.21 -17.04
N LEU A 60 2.49 -0.27 -17.93
CA LEU A 60 3.61 0.35 -18.66
C LEU A 60 4.25 1.47 -17.85
N ASP A 61 5.51 1.77 -18.19
CA ASP A 61 6.18 2.92 -17.49
C ASP A 61 5.42 4.24 -17.85
N VAL A 62 5.31 5.11 -16.84
CA VAL A 62 4.67 6.43 -16.91
C VAL A 62 5.68 7.43 -16.43
N GLU A 63 6.07 8.37 -17.29
CA GLU A 63 7.07 9.42 -16.97
C GLU A 63 6.73 10.81 -16.40
C GLU A 63 6.17 10.61 -16.74
N ARG A 64 5.79 10.86 -15.50
CA ARG A 64 5.17 12.10 -15.12
C ARG A 64 5.96 12.68 -13.91
N ASP A 65 5.76 13.99 -13.65
CA ASP A 65 6.49 14.64 -12.55
C ASP A 65 5.83 14.12 -11.27
N PRO A 66 6.63 13.49 -10.37
CA PRO A 66 5.98 12.91 -9.16
C PRO A 66 5.53 14.00 -8.17
N ILE A 67 6.21 15.15 -8.20
CA ILE A 67 5.82 16.22 -7.28
C ILE A 67 4.50 16.87 -7.67
N GLU A 68 4.32 17.20 -8.95
CA GLU A 68 3.08 17.76 -9.39
C GLU A 68 1.93 16.77 -9.12
N TYR A 69 2.23 15.48 -9.33
CA TYR A 69 1.21 14.46 -9.10
C TYR A 69 0.81 14.44 -7.62
N SER A 70 1.80 14.42 -6.75
CA SER A 70 1.54 14.25 -5.31
C SER A 70 0.83 15.48 -4.71
N LYS A 71 1.27 16.70 -5.13
CA LYS A 71 0.51 17.91 -4.74
C LYS A 71 -0.90 17.93 -5.20
N PHE A 72 -1.18 17.45 -6.42
CA PHE A 72 -2.57 17.38 -6.84
C PHE A 72 -3.38 16.39 -5.89
N MET A 73 -2.78 15.25 -5.59
CA MET A 73 -3.49 14.20 -4.85
C MET A 73 -3.65 14.65 -3.45
N GLU A 74 -2.77 15.56 -2.97
CA GLU A 74 -2.96 16.07 -1.57
C GLU A 74 -4.33 16.64 -1.33
N ARG A 75 -4.98 17.13 -2.38
CA ARG A 75 -6.30 17.73 -2.29
C ARG A 75 -7.44 16.75 -2.10
N TYR A 76 -7.21 15.50 -2.51
CA TYR A 76 -8.26 14.50 -2.68
C TYR A 76 -7.99 13.18 -1.88
N ALA A 77 -6.75 12.69 -1.94
CA ALA A 77 -6.57 11.28 -1.51
C ALA A 77 -6.47 11.28 0.02
N VAL A 78 -6.82 10.10 0.55
CA VAL A 78 -6.58 9.92 2.00
C VAL A 78 -5.07 9.68 2.31
N GLY A 79 -4.29 9.17 1.35
CA GLY A 79 -2.89 8.92 1.60
C GLY A 79 -2.25 8.66 0.23
N LEU A 80 -0.94 8.67 0.14
CA LEU A 80 -0.18 8.32 -1.09
C LEU A 80 0.58 7.08 -0.79
N ALA A 81 0.63 6.18 -1.78
CA ALA A 81 1.58 5.05 -1.72
C ALA A 81 2.61 5.23 -2.77
N ILE A 82 3.88 5.17 -2.36
CA ILE A 82 5.00 5.49 -3.31
C ILE A 82 5.86 4.26 -3.52
N ALA A 83 5.85 3.79 -4.75
CA ALA A 83 6.59 2.57 -5.07
C ALA A 83 8.05 2.88 -5.22
N THR A 84 8.84 2.28 -4.37
CA THR A 84 10.31 2.54 -4.31
C THR A 84 11.16 1.36 -4.83
N GLU A 85 10.56 0.22 -5.14
CA GLU A 85 11.40 -0.95 -5.58
C GLU A 85 12.01 -0.56 -6.96
N GLU A 86 13.31 -0.85 -7.17
CA GLU A 86 14.05 -0.32 -8.31
C GLU A 86 13.81 -1.08 -9.63
N LYS A 87 13.86 -2.42 -9.59
CA LYS A 87 13.99 -3.19 -10.88
C LYS A 87 12.67 -3.35 -11.62
N TYR A 88 11.62 -3.62 -10.85
CA TYR A 88 10.33 -3.93 -11.39
C TYR A 88 9.33 -2.81 -11.32
N PHE A 89 9.62 -1.78 -10.45
CA PHE A 89 8.73 -0.59 -10.30
C PHE A 89 9.45 0.69 -10.71
N ASN A 90 10.74 0.54 -11.10
CA ASN A 90 11.54 1.71 -11.57
C ASN A 90 11.48 2.85 -10.55
N GLY A 91 11.52 2.48 -9.25
CA GLY A 91 11.38 3.44 -8.11
C GLY A 91 12.69 3.95 -7.59
N SER A 92 12.50 4.94 -6.73
CA SER A 92 13.69 5.49 -6.05
C SER A 92 13.35 6.06 -4.69
N TYR A 93 14.29 5.82 -3.77
CA TYR A 93 14.19 6.47 -2.41
C TYR A 93 14.15 7.99 -2.51
N GLU A 94 14.89 8.55 -3.49
CA GLU A 94 14.85 10.01 -3.66
C GLU A 94 13.50 10.58 -4.07
N THR A 95 12.70 9.85 -4.83
CA THR A 95 11.41 10.31 -5.15
C THR A 95 10.54 10.33 -3.89
N LEU A 96 10.62 9.27 -3.10
CA LEU A 96 9.88 9.24 -1.82
C LEU A 96 10.25 10.46 -0.90
N ARG A 97 11.57 10.71 -0.81
CA ARG A 97 12.08 11.76 0.11
C ARG A 97 11.51 13.08 -0.34
N LYS A 98 11.56 13.36 -1.66
CA LYS A 98 11.06 14.63 -2.15
C LYS A 98 9.56 14.80 -2.00
N ILE A 99 8.81 13.69 -2.26
CA ILE A 99 7.39 13.82 -2.04
C ILE A 99 7.04 14.04 -0.58
N ALA A 100 7.75 13.36 0.33
CA ALA A 100 7.42 13.50 1.75
C ALA A 100 7.76 14.93 2.23
N SER A 101 8.77 15.52 1.59
CA SER A 101 9.08 16.90 1.90
C SER A 101 8.09 17.86 1.40
N SER A 102 7.23 17.47 0.44
CA SER A 102 6.28 18.40 -0.26
C SER A 102 4.83 18.32 0.13
N VAL A 103 4.42 17.20 0.76
CA VAL A 103 3.01 17.03 1.13
C VAL A 103 2.82 16.65 2.58
N SER A 104 1.61 16.93 3.08
N SER A 104 1.66 16.92 3.15
CA SER A 104 1.23 16.79 4.51
CA SER A 104 1.48 16.61 4.56
C SER A 104 0.14 15.74 4.72
C SER A 104 0.60 15.41 4.80
N ILE A 105 0.01 14.86 3.73
CA ILE A 105 -0.93 13.71 3.93
C ILE A 105 -0.12 12.46 4.16
N PRO A 106 -0.77 11.40 4.72
CA PRO A 106 0.02 10.18 5.01
C PRO A 106 0.61 9.50 3.78
N ILE A 107 1.81 8.94 3.97
CA ILE A 107 2.52 8.29 2.87
C ILE A 107 2.88 6.85 3.28
N LEU A 108 2.49 5.88 2.44
CA LEU A 108 2.94 4.48 2.60
C LEU A 108 4.09 4.23 1.64
N MET A 109 5.18 3.65 2.13
CA MET A 109 6.28 3.24 1.21
C MET A 109 5.94 1.84 0.71
N TRP A 110 5.79 1.68 -0.63
CA TRP A 110 5.50 0.38 -1.24
C TRP A 110 6.74 -0.20 -1.81
N ASP A 111 7.18 -1.33 -1.25
CA ASP A 111 8.39 -1.97 -1.69
C ASP A 111 8.31 -3.41 -1.12
N PHE A 112 9.39 -4.15 -1.29
CA PHE A 112 9.42 -5.55 -0.83
C PHE A 112 10.29 -5.55 0.42
N ILE A 113 9.67 -5.42 1.58
CA ILE A 113 10.40 -5.19 2.80
C ILE A 113 10.77 -6.54 3.37
N VAL A 114 12.07 -6.80 3.44
CA VAL A 114 12.59 -8.10 3.94
C VAL A 114 13.66 -7.97 5.02
N LYS A 115 14.02 -6.75 5.36
CA LYS A 115 14.99 -6.57 6.49
C LYS A 115 14.72 -5.28 7.22
N GLU A 116 15.20 -5.24 8.50
CA GLU A 116 14.84 -4.07 9.32
C GLU A 116 15.35 -2.76 8.72
N SER A 117 16.52 -2.79 8.07
CA SER A 117 17.01 -1.50 7.58
C SER A 117 16.08 -0.84 6.58
N GLN A 118 15.23 -1.63 5.86
CA GLN A 118 14.28 -0.95 4.96
C GLN A 118 13.14 -0.22 5.71
N ILE A 119 12.84 -0.67 6.95
CA ILE A 119 11.89 0.08 7.75
C ILE A 119 12.59 1.34 8.33
N ASP A 120 13.87 1.22 8.70
CA ASP A 120 14.62 2.42 9.05
C ASP A 120 14.59 3.39 7.87
N ASP A 121 14.81 2.86 6.67
CA ASP A 121 14.77 3.72 5.45
C ASP A 121 13.43 4.48 5.31
N ALA A 122 12.31 3.74 5.39
CA ALA A 122 10.99 4.36 5.24
C ALA A 122 10.82 5.44 6.28
N TYR A 123 11.25 5.15 7.53
CA TYR A 123 11.10 6.17 8.56
C TYR A 123 11.98 7.41 8.28
N ASN A 124 13.22 7.19 7.84
CA ASN A 124 14.15 8.27 7.70
C ASN A 124 13.82 9.10 6.48
N LEU A 125 13.17 8.46 5.49
CA LEU A 125 12.88 9.15 4.24
C LEU A 125 11.62 9.96 4.41
N GLY A 126 10.83 9.62 5.45
CA GLY A 126 9.58 10.45 5.70
C GLY A 126 8.21 9.71 5.53
N ALA A 127 8.29 8.41 5.17
CA ALA A 127 7.07 7.67 5.00
C ALA A 127 6.45 7.44 6.41
N ASP A 128 5.11 7.51 6.42
CA ASP A 128 4.33 7.26 7.69
C ASP A 128 4.12 5.81 7.98
N THR A 129 4.17 4.96 6.96
CA THR A 129 3.97 3.53 7.12
C THR A 129 4.54 2.73 5.96
N VAL A 130 4.50 1.41 6.06
CA VAL A 130 5.03 0.53 5.00
C VAL A 130 4.02 -0.56 4.81
N ALA A 131 4.08 -1.21 3.65
CA ALA A 131 3.38 -2.52 3.51
C ALA A 131 4.36 -3.65 3.85
N LEU A 132 3.79 -4.71 4.48
CA LEU A 132 4.54 -5.95 4.71
C LEU A 132 3.73 -7.05 3.96
N ILE A 133 4.43 -7.89 3.20
CA ILE A 133 3.75 -8.81 2.28
C ILE A 133 3.83 -10.25 2.81
N VAL A 134 2.66 -10.82 3.13
CA VAL A 134 2.61 -12.17 3.71
C VAL A 134 3.27 -13.22 2.80
N LYS A 135 2.99 -13.12 1.50
CA LYS A 135 3.58 -14.05 0.53
C LYS A 135 5.13 -14.19 0.53
N ILE A 136 5.86 -13.11 0.95
CA ILE A 136 7.33 -13.20 0.88
C ILE A 136 8.04 -13.41 2.21
N LEU A 137 7.34 -13.23 3.33
CA LEU A 137 7.99 -13.23 4.67
C LEU A 137 7.44 -14.44 5.47
N THR A 138 8.32 -15.03 6.26
CA THR A 138 7.85 -16.11 7.15
C THR A 138 7.03 -15.44 8.25
N GLU A 139 6.25 -16.23 9.00
CA GLU A 139 5.53 -15.67 10.14
C GLU A 139 6.49 -15.01 11.11
N ARG A 140 7.65 -15.57 11.30
CA ARG A 140 8.54 -14.96 12.32
C ARG A 140 9.03 -13.60 11.81
N GLU A 141 9.39 -13.55 10.53
CA GLU A 141 9.83 -12.23 9.97
C GLU A 141 8.72 -11.20 9.99
N LEU A 142 7.51 -11.64 9.66
CA LEU A 142 6.39 -10.74 9.68
C LEU A 142 6.19 -10.19 11.02
N GLU A 143 6.14 -11.04 12.04
CA GLU A 143 5.98 -10.58 13.43
C GLU A 143 7.05 -9.59 13.86
N SER A 144 8.29 -9.96 13.50
CA SER A 144 9.45 -9.16 13.91
C SER A 144 9.37 -7.77 13.23
N LEU A 145 9.08 -7.75 11.94
CA LEU A 145 9.12 -6.48 11.23
C LEU A 145 7.93 -5.64 11.58
N LEU A 146 6.80 -6.26 11.93
CA LEU A 146 5.62 -5.53 12.35
C LEU A 146 5.91 -4.86 13.70
N GLU A 147 6.45 -5.64 14.64
CA GLU A 147 6.84 -5.08 15.92
C GLU A 147 7.88 -3.93 15.79
N TYR A 148 8.84 -4.13 14.87
CA TYR A 148 9.91 -3.12 14.62
C TYR A 148 9.27 -1.82 14.11
N ALA A 149 8.43 -1.90 13.08
CA ALA A 149 7.74 -0.73 12.53
C ALA A 149 6.90 -0.03 13.62
N ARG A 150 6.22 -0.81 14.52
CA ARG A 150 5.35 -0.17 15.50
C ARG A 150 6.23 0.52 16.55
N SER A 151 7.47 0.10 16.68
CA SER A 151 8.36 0.77 17.70
C SER A 151 8.72 2.15 17.23
N TYR A 152 8.65 2.39 15.91
CA TYR A 152 8.79 3.76 15.38
C TYR A 152 7.49 4.55 15.36
N GLY A 153 6.36 3.94 15.71
CA GLY A 153 5.07 4.62 15.70
C GLY A 153 4.29 4.40 14.37
N MET A 154 4.80 3.47 13.51
CA MET A 154 4.07 3.10 12.31
C MET A 154 3.08 1.98 12.49
N GLU A 155 1.98 2.01 11.77
CA GLU A 155 1.09 0.84 11.71
C GLU A 155 1.08 0.33 10.26
N PRO A 156 1.84 -0.76 10.01
CA PRO A 156 1.94 -1.24 8.62
C PRO A 156 0.64 -1.79 8.09
N ALA A 157 0.51 -1.73 6.74
CA ALA A 157 -0.55 -2.45 5.99
C ALA A 157 0.00 -3.83 5.74
N ILE A 158 -0.77 -4.85 6.13
CA ILE A 158 -0.34 -6.26 5.92
C ILE A 158 -1.10 -6.71 4.63
N VAL A 159 -0.28 -7.09 3.65
CA VAL A 159 -0.87 -7.40 2.31
C VAL A 159 -1.19 -8.91 2.21
N ILE A 160 -2.42 -9.17 1.85
CA ILE A 160 -2.89 -10.56 1.68
C ILE A 160 -3.49 -10.74 0.32
N ASN A 161 -3.48 -11.98 -0.14
N ASN A 161 -3.37 -11.98 -0.16
CA ASN A 161 -4.18 -12.29 -1.41
CA ASN A 161 -3.92 -12.43 -1.49
C ASN A 161 -4.90 -13.63 -1.42
C ASN A 161 -5.05 -13.47 -1.30
N ASP A 162 -4.89 -14.33 -0.30
CA ASP A 162 -5.68 -15.57 -0.20
C ASP A 162 -5.97 -15.92 1.26
N GLU A 163 -6.66 -17.04 1.49
CA GLU A 163 -7.04 -17.38 2.88
C GLU A 163 -5.85 -17.68 3.71
N ASN A 164 -4.83 -18.27 3.11
N ASN A 164 -4.85 -18.31 3.09
CA ASN A 164 -3.64 -18.54 3.93
CA ASN A 164 -3.60 -18.63 3.77
C ASN A 164 -3.09 -17.27 4.44
C ASN A 164 -2.99 -17.36 4.34
N ASP A 165 -2.99 -16.28 3.53
CA ASP A 165 -2.38 -15.00 3.93
C ASP A 165 -3.21 -14.36 4.99
N LEU A 166 -4.54 -14.40 4.85
CA LEU A 166 -5.42 -13.78 5.80
C LEU A 166 -5.26 -14.44 7.18
N ASP A 167 -5.20 -15.78 7.24
CA ASP A 167 -4.94 -16.46 8.48
C ASP A 167 -3.65 -16.01 9.16
N ILE A 168 -2.57 -15.93 8.37
CA ILE A 168 -1.31 -15.38 8.91
C ILE A 168 -1.47 -13.89 9.34
N ALA A 169 -2.23 -13.06 8.61
CA ALA A 169 -2.41 -11.65 9.05
C ALA A 169 -3.07 -11.51 10.39
N LEU A 170 -4.09 -12.33 10.60
CA LEU A 170 -4.78 -12.39 11.90
C LEU A 170 -3.81 -12.91 12.98
N ARG A 171 -3.04 -13.94 12.62
CA ARG A 171 -2.15 -14.59 13.61
C ARG A 171 -1.11 -13.60 14.07
N ILE A 172 -0.63 -12.72 13.18
CA ILE A 172 0.44 -11.79 13.64
C ILE A 172 -0.12 -10.54 14.27
N GLY A 173 -1.42 -10.40 14.42
CA GLY A 173 -2.16 -9.31 15.01
C GLY A 173 -2.23 -8.06 14.14
N ALA A 174 -2.47 -8.30 12.83
CA ALA A 174 -2.64 -7.15 11.95
C ALA A 174 -3.83 -6.29 12.34
N ARG A 175 -3.66 -4.97 12.29
N ARG A 175 -3.71 -4.99 12.23
CA ARG A 175 -4.72 -4.00 12.54
CA ARG A 175 -4.86 -4.16 12.46
C ARG A 175 -5.23 -3.38 11.20
C ARG A 175 -5.24 -3.36 11.19
N PHE A 176 -4.42 -3.52 10.15
CA PHE A 176 -4.59 -2.72 8.89
C PHE A 176 -4.16 -3.70 7.82
N ILE A 177 -5.16 -4.10 7.02
CA ILE A 177 -4.99 -5.21 6.04
C ILE A 177 -5.29 -4.63 4.63
N GLU A 178 -4.39 -4.90 3.71
CA GLU A 178 -4.63 -4.64 2.31
C GLU A 178 -5.02 -5.94 1.65
N ILE A 179 -6.26 -5.99 1.13
CA ILE A 179 -6.69 -7.22 0.40
C ILE A 179 -6.45 -6.96 -1.11
N ALA A 180 -5.36 -7.55 -1.54
CA ALA A 180 -4.81 -7.36 -2.93
C ALA A 180 -5.51 -8.36 -3.84
N SER A 181 -6.16 -7.89 -4.93
CA SER A 181 -6.87 -8.85 -5.76
C SER A 181 -5.93 -9.54 -6.78
N ARG A 182 -4.69 -9.03 -6.95
CA ARG A 182 -3.71 -9.65 -7.87
C ARG A 182 -2.79 -10.59 -7.15
N ASP A 183 -2.78 -11.85 -7.57
CA ASP A 183 -1.76 -12.78 -7.14
C ASP A 183 -0.37 -12.29 -7.52
N LEU A 184 0.54 -12.22 -6.51
CA LEU A 184 1.88 -11.67 -6.80
C LEU A 184 2.68 -12.55 -7.75
N GLU A 185 2.47 -13.85 -7.68
CA GLU A 185 3.25 -14.78 -8.44
C GLU A 185 2.82 -14.89 -9.93
N THR A 186 1.52 -14.86 -10.19
CA THR A 186 1.02 -15.06 -11.57
C THR A 186 0.46 -13.80 -12.22
N LEU A 187 0.18 -12.79 -11.40
CA LEU A 187 -0.35 -11.49 -11.81
C LEU A 187 -1.81 -11.54 -12.15
N GLU A 188 -2.45 -12.67 -11.87
CA GLU A 188 -3.86 -12.75 -12.16
C GLU A 188 -4.76 -12.10 -11.11
N ILE A 189 -5.83 -11.42 -11.55
CA ILE A 189 -6.76 -10.80 -10.65
C ILE A 189 -7.95 -11.69 -10.39
N ASN A 190 -8.31 -11.91 -9.11
CA ASN A 190 -9.51 -12.66 -8.78
C ASN A 190 -10.37 -11.88 -7.82
N LYS A 191 -11.37 -11.20 -8.35
CA LYS A 191 -12.20 -10.31 -7.49
C LYS A 191 -13.19 -11.08 -6.64
N GLU A 192 -13.65 -12.25 -7.13
CA GLU A 192 -14.54 -13.08 -6.32
C GLU A 192 -13.77 -13.46 -5.04
N ASN A 193 -12.51 -13.90 -5.14
CA ASN A 193 -11.67 -14.27 -3.97
C ASN A 193 -11.48 -13.04 -3.07
N GLN A 194 -11.18 -11.88 -3.67
CA GLN A 194 -11.00 -10.68 -2.87
C GLN A 194 -12.24 -10.38 -2.01
N ARG A 195 -13.42 -10.47 -2.63
N ARG A 195 -13.43 -10.48 -2.60
CA ARG A 195 -14.69 -10.23 -1.94
CA ARG A 195 -14.66 -10.22 -1.87
C ARG A 195 -14.90 -11.25 -0.81
C ARG A 195 -14.91 -11.26 -0.79
N LYS A 196 -14.59 -12.50 -1.07
CA LYS A 196 -14.71 -13.53 -0.02
C LYS A 196 -13.83 -13.14 1.19
N LEU A 197 -12.57 -12.81 0.91
CA LEU A 197 -11.61 -12.47 2.00
C LEU A 197 -12.10 -11.27 2.81
N ILE A 198 -12.58 -10.24 2.15
CA ILE A 198 -13.06 -9.05 2.78
C ILE A 198 -14.21 -9.45 3.74
N SER A 199 -15.04 -10.43 3.34
CA SER A 199 -16.18 -10.85 4.16
C SER A 199 -15.73 -11.65 5.39
N MET A 200 -14.50 -12.09 5.42
CA MET A 200 -13.94 -12.91 6.52
C MET A 200 -13.11 -12.09 7.51
N ILE A 201 -13.01 -10.79 7.28
CA ILE A 201 -12.14 -9.99 8.16
C ILE A 201 -12.96 -9.37 9.23
N PRO A 202 -12.48 -9.45 10.47
CA PRO A 202 -13.23 -8.80 11.52
C PRO A 202 -13.46 -7.29 11.32
N SER A 203 -14.58 -6.81 11.80
CA SER A 203 -15.00 -5.46 11.53
C SER A 203 -14.09 -4.41 12.19
N ASN A 204 -13.30 -4.77 13.21
CA ASN A 204 -12.42 -3.75 13.78
C ASN A 204 -11.04 -3.65 13.07
N VAL A 205 -10.85 -4.38 11.98
CA VAL A 205 -9.59 -4.23 11.23
C VAL A 205 -9.83 -3.24 10.12
N VAL A 206 -8.87 -2.29 9.91
CA VAL A 206 -9.03 -1.28 8.79
C VAL A 206 -8.63 -2.02 7.49
N LYS A 207 -9.59 -2.07 6.54
CA LYS A 207 -9.46 -2.96 5.31
C LYS A 207 -9.29 -2.00 4.09
N VAL A 208 -8.23 -2.28 3.31
CA VAL A 208 -8.05 -1.53 2.03
C VAL A 208 -8.19 -2.60 0.93
N ALA A 209 -9.10 -2.35 0.00
CA ALA A 209 -9.17 -3.18 -1.25
C ALA A 209 -8.17 -2.58 -2.23
N TRP A 210 -7.33 -3.38 -2.89
CA TRP A 210 -6.28 -2.85 -3.74
C TRP A 210 -6.27 -3.68 -4.97
N GLN A 211 -6.05 -3.02 -6.11
CA GLN A 211 -5.81 -3.60 -7.41
C GLN A 211 -7.06 -3.89 -8.20
N GLY A 212 -7.08 -3.37 -9.44
CA GLY A 212 -8.23 -3.60 -10.29
C GLY A 212 -9.49 -2.77 -9.99
N ILE A 213 -9.37 -1.67 -9.22
CA ILE A 213 -10.54 -0.86 -8.94
C ILE A 213 -10.51 0.25 -10.00
N SER A 214 -11.60 0.42 -10.73
CA SER A 214 -11.51 1.35 -11.90
C SER A 214 -12.79 2.21 -12.05
N GLU A 215 -13.83 1.97 -11.22
CA GLU A 215 -15.14 2.63 -11.32
C GLU A 215 -15.69 3.02 -9.98
N ARG A 216 -16.32 4.19 -9.95
CA ARG A 216 -17.07 4.60 -8.79
C ARG A 216 -18.07 3.51 -8.30
N ASN A 217 -18.74 2.82 -9.25
CA ASN A 217 -19.73 1.83 -8.83
C ASN A 217 -19.08 0.71 -8.01
N GLU A 218 -17.88 0.29 -8.42
CA GLU A 218 -17.19 -0.77 -7.70
C GLU A 218 -16.85 -0.35 -6.30
N ILE A 219 -16.42 0.90 -6.15
CA ILE A 219 -16.05 1.42 -4.86
C ILE A 219 -17.26 1.40 -3.93
N GLU A 220 -18.42 1.78 -4.48
CA GLU A 220 -19.68 1.86 -3.68
C GLU A 220 -20.07 0.46 -3.23
N GLU A 221 -19.93 -0.50 -4.15
N GLU A 221 -19.94 -0.52 -4.11
CA GLU A 221 -20.19 -1.93 -3.83
CA GLU A 221 -20.31 -1.88 -3.68
C GLU A 221 -19.32 -2.44 -2.67
C GLU A 221 -19.32 -2.50 -2.65
N LEU A 222 -18.01 -2.23 -2.80
CA LEU A 222 -17.05 -2.69 -1.82
C LEU A 222 -17.24 -1.98 -0.47
N ARG A 223 -17.62 -0.69 -0.50
CA ARG A 223 -17.83 0.04 0.74
C ARG A 223 -18.95 -0.65 1.48
N LYS A 224 -19.99 -1.08 0.74
CA LYS A 224 -21.12 -1.75 1.40
C LYS A 224 -20.71 -3.07 2.07
N LEU A 225 -19.64 -3.73 1.59
CA LEU A 225 -19.15 -4.99 2.21
C LEU A 225 -18.24 -4.71 3.40
N GLY A 226 -18.05 -3.43 3.72
CA GLY A 226 -17.21 -3.08 4.88
C GLY A 226 -15.81 -2.54 4.55
N VAL A 227 -15.43 -2.47 3.27
CA VAL A 227 -14.09 -1.98 2.92
C VAL A 227 -14.01 -0.50 3.39
N ASN A 228 -12.88 -0.11 4.01
CA ASN A 228 -12.67 1.23 4.57
C ASN A 228 -12.00 2.19 3.57
N ALA A 229 -11.17 1.63 2.70
CA ALA A 229 -10.40 2.50 1.73
C ALA A 229 -10.01 1.66 0.52
N PHE A 230 -9.54 2.38 -0.51
CA PHE A 230 -9.36 1.82 -1.88
C PHE A 230 -8.03 2.25 -2.42
N GLY A 231 -7.14 1.30 -2.69
CA GLY A 231 -5.84 1.66 -3.28
C GLY A 231 -6.00 1.58 -4.78
N ILE A 232 -5.56 2.66 -5.43
CA ILE A 232 -5.70 2.78 -6.93
C ILE A 232 -4.42 3.39 -7.47
N GLY A 233 -3.76 2.69 -8.40
CA GLY A 233 -2.48 3.14 -8.95
C GLY A 233 -2.54 3.50 -10.43
N SER A 234 -2.57 2.46 -11.29
CA SER A 234 -2.32 2.78 -12.74
C SER A 234 -3.40 3.69 -13.32
N SER A 235 -4.67 3.54 -12.98
N SER A 235 -4.66 3.52 -12.95
CA SER A 235 -5.69 4.44 -13.56
CA SER A 235 -5.74 4.38 -13.40
C SER A 235 -5.45 5.91 -13.15
C SER A 235 -5.37 5.85 -13.16
N LEU A 236 -4.91 6.12 -11.95
CA LEU A 236 -4.56 7.52 -11.54
C LEU A 236 -3.17 7.96 -12.09
N MET A 237 -2.24 7.06 -12.22
CA MET A 237 -0.96 7.41 -12.90
C MET A 237 -1.23 7.87 -14.34
N ARG A 238 -2.23 7.27 -14.98
CA ARG A 238 -2.62 7.73 -16.32
C ARG A 238 -3.43 9.04 -16.25
N ASN A 239 -4.45 9.13 -15.39
CA ASN A 239 -5.39 10.20 -15.38
C ASN A 239 -5.65 10.58 -13.92
N PRO A 240 -4.79 11.42 -13.33
CA PRO A 240 -4.93 11.83 -11.90
C PRO A 240 -6.30 12.38 -11.57
N GLU A 241 -6.88 13.14 -12.50
CA GLU A 241 -8.23 13.65 -12.28
C GLU A 241 -9.36 12.67 -12.20
N LYS A 242 -9.14 11.44 -12.62
CA LYS A 242 -10.17 10.41 -12.44
C LYS A 242 -10.47 10.32 -10.90
N ILE A 243 -9.58 10.73 -10.05
CA ILE A 243 -9.82 10.60 -8.60
C ILE A 243 -11.04 11.42 -8.18
N LYS A 244 -11.31 12.53 -8.89
CA LYS A 244 -12.52 13.28 -8.56
C LYS A 244 -13.82 12.45 -8.79
N GLU A 245 -13.89 11.60 -9.83
CA GLU A 245 -15.09 10.81 -10.07
C GLU A 245 -15.12 9.69 -9.01
N PHE A 246 -13.97 9.18 -8.59
CA PHE A 246 -13.94 8.00 -7.65
C PHE A 246 -14.47 8.50 -6.28
N ILE A 247 -14.32 9.80 -5.98
CA ILE A 247 -14.77 10.34 -4.66
C ILE A 247 -16.10 10.97 -4.76
N LEU A 248 -16.38 11.60 -5.89
CA LEU A 248 -17.58 12.42 -6.02
C LEU A 248 -18.63 11.89 -7.00
N GLY A 249 -18.35 10.78 -7.70
CA GLY A 249 -19.19 10.36 -8.85
C GLY A 249 -18.92 11.19 -10.13
N SER A 250 -19.50 10.80 -11.28
CA SER A 250 -19.42 11.74 -12.47
C SER A 250 -20.78 12.36 -12.68
N1 3NY B . -0.45 -3.31 -3.52
N2 3NY B . -0.18 -4.22 -4.46
N3 3NY B . 0.67 -3.57 -5.43
C4 3NY B . 1.62 -1.22 -5.54
C5 3NY B . 1.64 -0.02 -4.80
C6 3NY B . 0.92 0.13 -3.61
C7 3NY B . 0.21 -0.96 -3.10
O11 3NY B . 2.67 2.06 -4.67
O21 3NY B . 2.71 1.01 -6.53
C3A 3NY B . 0.86 -2.31 -5.02
C7A 3NY B . 0.16 -2.15 -3.81
NO1 3NY B . 2.37 1.06 -5.35
S SO4 C . 7.94 -21.22 3.89
O1 SO4 C . 8.22 -21.11 2.46
O2 SO4 C . 6.52 -20.95 4.14
O3 SO4 C . 8.35 -22.47 4.55
O4 SO4 C . 8.74 -20.30 4.70
S SO4 D . -7.79 16.26 7.07
O1 SO4 D . -7.69 14.82 7.50
O2 SO4 D . -9.03 16.51 6.38
O3 SO4 D . -7.60 17.02 8.28
O4 SO4 D . -6.85 16.67 6.00
S SO4 E . -3.56 -0.69 -9.52
O1 SO4 E . -4.12 -1.79 -10.39
O2 SO4 E . -4.70 0.10 -9.34
O3 SO4 E . -3.10 -1.28 -8.30
O4 SO4 E . -2.33 -0.14 -10.22
S SO4 F . 18.76 -20.57 -5.11
O1 SO4 F . 19.26 -21.91 -5.45
O2 SO4 F . 17.31 -20.62 -5.26
O3 SO4 F . 19.04 -20.27 -3.68
O4 SO4 F . 19.35 -19.50 -5.93
S SO4 G . 1.00 -3.67 -8.81
O1 SO4 G . 1.42 -4.54 -9.94
O2 SO4 G . -0.44 -3.56 -8.53
O3 SO4 G . 1.64 -4.24 -7.65
O4 SO4 G . 1.51 -2.32 -9.02
S SO4 H . 23.28 -1.01 5.35
O1 SO4 H . 23.11 -2.46 5.14
O2 SO4 H . 22.12 -0.66 6.21
O3 SO4 H . 24.25 -0.71 6.32
O4 SO4 H . 23.47 -0.55 3.92
O1 TLA I . -13.66 16.33 -1.62
O11 TLA I . -12.27 17.99 -1.02
C1 TLA I . -12.62 16.78 -1.10
C2 TLA I . -11.67 15.75 -0.56
O2 TLA I . -12.33 14.58 -0.94
C3 TLA I . -11.58 15.68 0.97
O3 TLA I . -11.00 14.45 1.17
C4 TLA I . -10.61 16.62 1.69
O4 TLA I . -9.77 16.10 2.44
O41 TLA I . -10.79 17.84 1.62
O1 TLA J . 12.78 3.31 17.90
O11 TLA J . 13.16 1.14 18.07
C1 TLA J . 13.28 2.24 17.51
C2 TLA J . 14.21 2.27 16.36
O2 TLA J . 14.05 1.06 15.73
C3 TLA J . 15.60 2.10 16.89
O3 TLA J . 15.79 0.70 17.18
C4 TLA J . 16.62 2.55 15.86
O4 TLA J . 17.14 1.66 15.14
O41 TLA J . 16.87 3.77 15.83
O1 TLA K . -14.28 -8.84 16.91
O11 TLA K . -13.90 -7.36 18.54
C1 TLA K . -13.56 -8.33 17.82
C2 TLA K . -12.17 -8.92 18.00
O2 TLA K . -12.43 -10.24 18.38
C3 TLA K . -11.34 -8.38 19.16
O3 TLA K . -10.31 -9.29 19.32
C4 TLA K . -10.61 -7.05 18.99
O4 TLA K . -11.16 -6.08 19.54
O41 TLA K . -9.46 -7.04 18.53
#